data_4QS8
#
_entry.id   4QS8
#
_cell.length_a   56.239
_cell.length_b   72.473
_cell.length_c   109.059
_cell.angle_alpha   90.00
_cell.angle_beta   90.00
_cell.angle_gamma   90.00
#
_symmetry.space_group_name_H-M   'P 21 21 21'
#
loop_
_entity.id
_entity.type
_entity.pdbx_description
1 polymer Hexokinase-1
2 water water
#
_entity_poly.entity_id   1
_entity_poly.type   'polypeptide(L)'
_entity_poly.pdbx_seq_one_letter_code
;MHHHHHHSSGKWGRVLAILKAFEEDCATPISKLRQVADAMTVEMHAGLASDGGSKLKMLISYVDNLPSGDEKGLFYALDL
GGTNFRVMRVLLGGKQERVVKQEFEEVSIPPHLMTGGSDELFNFIAEALAKFVATECEDFHLPEGRQRELGFTFSFPVKQ
TSLSSGSLIKWTKGFSIEEAVGQDVVGALNKALERVGLDMRIAALVNDTVGTLAGGRYYNPDVVAAVILGTGTNAAYVER
ATAIPKWHGLLPKSGEMVINMEWGNFRSSHLPLTEFDHTLDFESLNPGEQILEKIISGMYLGEILRRVLLKMAEDAAFFG
DTVPSKLRIPFIIRTPHMSAMHNDTSPDLKIVGSKIKDILEVPTTSLKMRKVVISLCNIIATRGARLSAAGIYGILKKLG
RDTTKDEEVQKSVIAMDGGLFEHYTQFSECMESSLKELLGDEASGSVEVTHSNDGSGIGAALLAASHSLYLEDS
;
_entity_poly.pdbx_strand_id   A
#
# COMPACT_ATOMS: atom_id res chain seq x y z
N GLY A 10 -38.10 -4.64 -21.67
CA GLY A 10 -36.64 -4.68 -21.72
C GLY A 10 -36.02 -3.31 -21.85
N LYS A 11 -35.12 -2.99 -20.92
CA LYS A 11 -34.40 -1.72 -20.83
C LYS A 11 -33.79 -1.70 -19.45
N TRP A 12 -34.65 -1.56 -18.45
CA TRP A 12 -34.20 -1.72 -17.06
C TRP A 12 -34.09 -3.19 -16.72
N GLY A 13 -34.72 -4.04 -17.52
CA GLY A 13 -34.49 -5.47 -17.43
C GLY A 13 -33.08 -5.75 -17.94
N ARG A 14 -32.62 -4.92 -18.86
CA ARG A 14 -31.27 -5.02 -19.40
C ARG A 14 -30.25 -4.56 -18.35
N VAL A 15 -30.64 -3.57 -17.55
CA VAL A 15 -29.82 -3.11 -16.44
C VAL A 15 -29.64 -4.24 -15.44
N LEU A 16 -30.75 -4.87 -15.09
CA LEU A 16 -30.73 -5.98 -14.12
C LEU A 16 -29.98 -7.20 -14.64
N ALA A 17 -30.01 -7.41 -15.94
CA ALA A 17 -29.24 -8.50 -16.56
C ALA A 17 -27.75 -8.25 -16.39
N ILE A 18 -27.31 -7.02 -16.65
CA ILE A 18 -25.91 -6.64 -16.51
C ILE A 18 -25.45 -6.77 -15.05
N LEU A 19 -26.30 -6.32 -14.13
CA LEU A 19 -26.00 -6.40 -12.70
C LEU A 19 -25.88 -7.85 -12.22
N LYS A 20 -26.79 -8.70 -12.66
CA LYS A 20 -26.82 -10.09 -12.23
C LYS A 20 -25.62 -10.88 -12.74
N ALA A 21 -25.27 -10.70 -14.01
CA ALA A 21 -24.10 -11.36 -14.57
C ALA A 21 -22.81 -10.83 -13.94
N PHE A 22 -22.79 -9.54 -13.61
CA PHE A 22 -21.62 -8.95 -12.96
C PHE A 22 -21.45 -9.54 -11.56
N GLU A 23 -22.54 -9.62 -10.81
CA GLU A 23 -22.50 -10.20 -9.48
C GLU A 23 -22.01 -11.65 -9.52
N GLU A 24 -22.48 -12.40 -10.52
CA GLU A 24 -22.10 -13.81 -10.65
C GLU A 24 -20.64 -13.95 -11.05
N ASP A 25 -20.21 -13.12 -11.99
CA ASP A 25 -18.84 -13.19 -12.50
C ASP A 25 -17.81 -12.73 -11.48
N CYS A 26 -18.25 -11.93 -10.51
CA CYS A 26 -17.36 -11.39 -9.48
C CYS A 26 -17.29 -12.28 -8.25
N ALA A 27 -18.19 -13.26 -8.16
CA ALA A 27 -18.35 -14.07 -6.94
C ALA A 27 -17.06 -14.74 -6.47
N THR A 28 -16.84 -14.70 -5.16
CA THR A 28 -15.70 -15.37 -4.56
C THR A 28 -16.13 -16.29 -3.41
N PRO A 29 -16.75 -17.43 -3.76
CA PRO A 29 -17.07 -18.43 -2.73
C PRO A 29 -15.78 -18.87 -2.04
N ILE A 30 -15.91 -19.37 -0.81
N ILE A 30 -15.83 -19.37 -0.81
CA ILE A 30 -14.76 -19.74 -0.01
CA ILE A 30 -14.58 -19.67 -0.09
C ILE A 30 -13.84 -20.71 -0.73
C ILE A 30 -13.69 -20.65 -0.85
N SER A 31 -14.41 -21.65 -1.49
N SER A 31 -14.32 -21.61 -1.51
CA SER A 31 -13.60 -22.63 -2.22
CA SER A 31 -13.63 -22.64 -2.28
C SER A 31 -12.65 -21.94 -3.20
C SER A 31 -12.66 -21.97 -3.23
N LYS A 32 -13.15 -20.92 -3.89
CA LYS A 32 -12.33 -20.17 -4.84
C LYS A 32 -11.28 -19.33 -4.10
N LEU A 33 -11.66 -18.71 -2.99
CA LEU A 33 -10.69 -17.96 -2.18
C LEU A 33 -9.54 -18.85 -1.71
N ARG A 34 -9.83 -20.10 -1.38
CA ARG A 34 -8.77 -21.00 -0.98
C ARG A 34 -7.82 -21.29 -2.14
N GLN A 35 -8.35 -21.34 -3.36
N GLN A 35 -8.37 -21.35 -3.36
CA GLN A 35 -7.50 -21.59 -4.52
CA GLN A 35 -7.56 -21.56 -4.56
C GLN A 35 -6.65 -20.36 -4.85
C GLN A 35 -6.66 -20.37 -4.80
N VAL A 36 -7.22 -19.18 -4.65
CA VAL A 36 -6.47 -17.94 -4.79
C VAL A 36 -5.34 -17.90 -3.78
N ALA A 37 -5.65 -18.21 -2.51
CA ALA A 37 -4.63 -18.25 -1.47
C ALA A 37 -3.52 -19.25 -1.79
N ASP A 38 -3.90 -20.44 -2.21
CA ASP A 38 -2.90 -21.45 -2.56
C ASP A 38 -2.00 -20.95 -3.68
N ALA A 39 -2.60 -20.30 -4.68
CA ALA A 39 -1.84 -19.79 -5.80
C ALA A 39 -0.88 -18.68 -5.36
N MET A 40 -1.30 -17.90 -4.36
CA MET A 40 -0.41 -16.88 -3.81
C MET A 40 0.82 -17.52 -3.16
N THR A 41 0.59 -18.54 -2.33
CA THR A 41 1.70 -19.23 -1.68
C THR A 41 2.65 -19.85 -2.71
N VAL A 42 2.10 -20.43 -3.77
CA VAL A 42 2.92 -21.02 -4.84
C VAL A 42 3.78 -19.96 -5.51
N GLU A 43 3.17 -18.81 -5.81
CA GLU A 43 3.87 -17.70 -6.45
C GLU A 43 4.93 -17.09 -5.53
N MET A 44 4.68 -17.12 -4.22
CA MET A 44 5.69 -16.64 -3.26
C MET A 44 6.92 -17.54 -3.28
N HIS A 45 6.73 -18.86 -3.26
CA HIS A 45 7.85 -19.78 -3.41
C HIS A 45 8.59 -19.52 -4.71
N ALA A 46 7.83 -19.31 -5.78
CA ALA A 46 8.40 -19.12 -7.12
C ALA A 46 9.30 -17.89 -7.19
N GLY A 47 8.82 -16.78 -6.63
CA GLY A 47 9.55 -15.52 -6.65
C GLY A 47 10.79 -15.53 -5.78
N LEU A 48 10.80 -16.41 -4.78
CA LEU A 48 11.97 -16.55 -3.92
C LEU A 48 13.00 -17.51 -4.50
N ALA A 49 12.56 -18.34 -5.45
CA ALA A 49 13.40 -19.41 -5.98
C ALA A 49 14.50 -18.89 -6.90
N SER A 50 14.20 -17.79 -7.59
CA SER A 50 15.14 -17.17 -8.50
C SER A 50 14.68 -15.76 -8.76
N ASP A 51 15.61 -14.88 -9.15
CA ASP A 51 15.20 -13.54 -9.54
C ASP A 51 14.39 -13.68 -10.82
N GLY A 52 13.21 -13.07 -10.85
CA GLY A 52 12.32 -13.21 -12.01
C GLY A 52 11.56 -14.53 -11.99
N GLY A 53 11.53 -15.18 -10.83
CA GLY A 53 10.89 -16.47 -10.71
C GLY A 53 9.38 -16.43 -10.78
N SER A 54 8.82 -15.28 -10.41
CA SER A 54 7.38 -15.11 -10.40
C SER A 54 7.03 -13.71 -10.86
N LYS A 55 5.77 -13.49 -11.20
CA LYS A 55 5.29 -12.13 -11.37
C LYS A 55 5.36 -11.41 -10.02
N LEU A 56 5.53 -12.17 -8.95
CA LEU A 56 5.84 -11.58 -7.64
C LEU A 56 7.35 -11.40 -7.56
N LYS A 57 7.82 -10.17 -7.45
CA LYS A 57 9.27 -9.94 -7.42
C LYS A 57 9.93 -10.50 -6.17
N MET A 58 9.21 -10.48 -5.05
CA MET A 58 9.69 -11.04 -3.79
C MET A 58 11.10 -10.50 -3.46
N LEU A 59 11.21 -9.18 -3.42
CA LEU A 59 12.52 -8.51 -3.28
C LEU A 59 13.08 -8.60 -1.87
N ILE A 60 14.38 -8.91 -1.79
CA ILE A 60 15.13 -8.78 -0.54
C ILE A 60 15.13 -7.29 -0.16
N SER A 61 14.71 -6.98 1.07
N SER A 61 14.68 -6.99 1.06
CA SER A 61 14.56 -5.57 1.47
CA SER A 61 14.55 -5.60 1.49
C SER A 61 15.83 -4.99 2.08
C SER A 61 15.83 -5.00 2.04
N TYR A 62 16.81 -5.85 2.36
CA TYR A 62 18.08 -5.44 2.97
C TYR A 62 17.98 -4.94 4.40
N VAL A 63 16.84 -5.18 5.03
CA VAL A 63 16.72 -4.93 6.47
C VAL A 63 17.57 -5.94 7.22
N ASP A 64 18.42 -5.45 8.13
CA ASP A 64 19.25 -6.31 8.95
C ASP A 64 18.55 -6.70 10.24
N ASN A 65 17.72 -5.78 10.72
CA ASN A 65 17.14 -5.89 12.06
C ASN A 65 15.85 -5.07 12.15
N LEU A 66 14.73 -5.73 12.47
CA LEU A 66 13.49 -5.01 12.71
C LEU A 66 13.50 -4.41 14.11
N PRO A 67 12.77 -3.30 14.31
CA PRO A 67 12.67 -2.71 15.66
C PRO A 67 12.07 -3.70 16.66
N SER A 68 12.50 -3.65 17.91
CA SER A 68 12.00 -4.58 18.93
C SER A 68 11.14 -3.88 19.97
N GLY A 69 11.32 -2.56 20.09
CA GLY A 69 10.60 -1.79 21.09
C GLY A 69 11.50 -1.29 22.22
N ASP A 70 12.70 -1.85 22.32
CA ASP A 70 13.63 -1.50 23.38
C ASP A 70 14.46 -0.28 23.01
N GLU A 71 14.30 0.20 21.78
CA GLU A 71 15.13 1.27 21.27
C GLU A 71 14.98 2.57 22.06
N LYS A 72 16.11 3.28 22.24
CA LYS A 72 16.11 4.51 23.01
C LYS A 72 16.85 5.62 22.28
N GLY A 73 16.21 6.79 22.17
CA GLY A 73 16.86 7.94 21.59
C GLY A 73 16.02 8.69 20.58
N LEU A 74 16.62 9.71 19.99
CA LEU A 74 15.94 10.56 19.02
C LEU A 74 16.30 10.08 17.62
N PHE A 75 15.29 9.84 16.79
CA PHE A 75 15.54 9.36 15.44
C PHE A 75 14.74 10.12 14.40
N TYR A 76 15.32 10.29 13.22
CA TYR A 76 14.73 11.11 12.16
C TYR A 76 14.28 10.31 10.94
N ALA A 77 13.38 10.91 10.17
CA ALA A 77 12.94 10.28 8.92
C ALA A 77 12.73 11.35 7.87
N LEU A 78 12.97 10.99 6.62
CA LEU A 78 12.70 11.86 5.49
C LEU A 78 11.82 11.07 4.53
N ASP A 79 10.62 11.59 4.27
CA ASP A 79 9.68 10.90 3.39
C ASP A 79 9.55 11.68 2.08
N LEU A 80 10.24 11.20 1.05
CA LEU A 80 10.27 11.88 -0.25
C LEU A 80 9.59 11.02 -1.30
N GLY A 81 8.36 11.40 -1.68
CA GLY A 81 7.61 10.61 -2.63
C GLY A 81 6.80 11.42 -3.64
N GLY A 82 7.03 12.73 -3.67
CA GLY A 82 6.32 13.62 -4.57
C GLY A 82 6.89 15.04 -4.49
N THR A 83 6.12 16.02 -4.96
CA THR A 83 6.54 17.42 -4.89
C THR A 83 6.37 18.00 -3.48
N ASN A 84 5.76 17.20 -2.61
CA ASN A 84 5.66 17.50 -1.19
C ASN A 84 6.44 16.44 -0.40
N PHE A 85 7.44 16.87 0.37
CA PHE A 85 8.14 15.92 1.24
C PHE A 85 7.95 16.22 2.72
N ARG A 86 8.29 15.25 3.56
CA ARG A 86 8.08 15.37 4.99
C ARG A 86 9.35 15.02 5.75
N VAL A 87 9.74 15.89 6.67
CA VAL A 87 10.80 15.56 7.62
C VAL A 87 10.16 15.36 8.97
N MET A 88 10.65 14.39 9.73
CA MET A 88 10.10 14.13 11.06
C MET A 88 11.09 13.48 12.01
N ARG A 89 10.82 13.62 13.30
CA ARG A 89 11.62 12.97 14.31
C ARG A 89 10.74 12.27 15.34
N VAL A 90 11.28 11.24 15.97
CA VAL A 90 10.55 10.51 16.99
C VAL A 90 11.45 10.32 18.21
N LEU A 91 10.91 10.57 19.41
CA LEU A 91 11.64 10.32 20.63
C LEU A 91 11.21 8.98 21.20
N LEU A 92 12.15 8.04 21.29
CA LEU A 92 11.83 6.70 21.78
C LEU A 92 12.38 6.55 23.20
N GLY A 93 11.60 5.94 24.08
CA GLY A 93 11.96 5.85 25.48
C GLY A 93 12.12 4.46 26.06
N GLY A 94 12.09 3.43 25.21
CA GLY A 94 12.22 2.06 25.67
C GLY A 94 10.91 1.30 25.64
N LYS A 95 10.94 0.06 26.13
CA LYS A 95 9.77 -0.83 26.15
C LYS A 95 8.46 -0.19 26.61
N GLN A 96 8.50 0.42 27.79
CA GLN A 96 7.30 0.95 28.44
C GLN A 96 6.71 2.14 27.69
N GLU A 97 7.53 3.18 27.53
CA GLU A 97 7.08 4.43 26.90
C GLU A 97 6.91 4.29 25.40
N ARG A 98 7.86 3.60 24.76
CA ARG A 98 7.92 3.53 23.32
C ARG A 98 8.03 4.95 22.75
N VAL A 99 7.12 5.31 21.85
CA VAL A 99 7.14 6.64 21.22
C VAL A 99 6.61 7.71 22.16
N VAL A 100 7.53 8.50 22.71
CA VAL A 100 7.21 9.58 23.63
C VAL A 100 6.62 10.79 22.91
N LYS A 101 7.38 11.30 21.95
CA LYS A 101 7.00 12.45 21.16
C LYS A 101 7.37 12.27 19.69
N GLN A 102 6.54 12.82 18.81
CA GLN A 102 6.89 12.92 17.40
C GLN A 102 6.54 14.30 16.86
N GLU A 103 7.37 14.77 15.94
CA GLU A 103 7.20 16.09 15.34
C GLU A 103 7.49 15.95 13.86
N PHE A 104 6.86 16.79 13.04
CA PHE A 104 7.14 16.78 11.60
C PHE A 104 6.93 18.16 11.00
N GLU A 105 7.41 18.32 9.78
CA GLU A 105 7.13 19.50 8.97
C GLU A 105 6.95 19.03 7.54
N GLU A 106 5.89 19.50 6.88
CA GLU A 106 5.71 19.21 5.46
C GLU A 106 6.29 20.35 4.63
N VAL A 107 7.06 20.00 3.62
CA VAL A 107 7.74 21.01 2.79
C VAL A 107 7.44 20.76 1.33
N SER A 108 7.16 21.83 0.58
CA SER A 108 6.86 21.71 -0.84
C SER A 108 8.10 22.01 -1.71
N ILE A 109 8.33 21.17 -2.70
CA ILE A 109 9.45 21.35 -3.62
C ILE A 109 9.07 22.31 -4.74
N PRO A 110 9.79 23.43 -4.85
CA PRO A 110 9.56 24.37 -5.95
C PRO A 110 9.70 23.70 -7.31
N PRO A 111 8.67 23.85 -8.17
CA PRO A 111 8.58 23.22 -9.49
C PRO A 111 9.84 23.30 -10.36
N HIS A 112 10.72 24.27 -10.11
CA HIS A 112 11.95 24.36 -10.90
C HIS A 112 12.98 23.30 -10.51
N LEU A 113 12.95 22.88 -9.24
CA LEU A 113 13.88 21.86 -8.74
C LEU A 113 13.41 20.46 -9.12
N MET A 114 12.18 20.36 -9.61
CA MET A 114 11.65 19.08 -10.07
C MET A 114 12.27 18.67 -11.41
N THR A 115 12.89 19.62 -12.11
CA THR A 115 13.41 19.39 -13.46
C THR A 115 14.84 19.87 -13.67
N GLY A 116 15.49 20.35 -12.61
CA GLY A 116 16.83 20.90 -12.72
C GLY A 116 17.93 19.88 -12.55
N GLY A 117 18.95 20.21 -11.77
CA GLY A 117 20.03 19.29 -11.50
C GLY A 117 19.77 18.50 -10.22
N SER A 118 20.52 17.40 -10.04
CA SER A 118 20.37 16.55 -8.87
C SER A 118 20.81 17.29 -7.60
N ASP A 119 21.99 17.91 -7.68
CA ASP A 119 22.57 18.63 -6.56
C ASP A 119 21.63 19.67 -5.95
N GLU A 120 20.90 20.39 -6.81
CA GLU A 120 20.03 21.46 -6.34
C GLU A 120 18.81 20.94 -5.56
N LEU A 121 18.27 19.80 -5.98
CA LEU A 121 17.12 19.21 -5.31
C LEU A 121 17.51 18.72 -3.91
N PHE A 122 18.62 18.01 -3.82
CA PHE A 122 19.04 17.42 -2.56
C PHE A 122 19.61 18.46 -1.59
N ASN A 123 20.26 19.49 -2.12
CA ASN A 123 20.69 20.61 -1.29
C ASN A 123 19.48 21.26 -0.60
N PHE A 124 18.40 21.41 -1.35
CA PHE A 124 17.18 22.02 -0.80
C PHE A 124 16.59 21.18 0.32
N ILE A 125 16.52 19.87 0.11
CA ILE A 125 15.97 18.94 1.09
C ILE A 125 16.85 18.90 2.36
N ALA A 126 18.17 18.89 2.16
CA ALA A 126 19.12 18.87 3.27
C ALA A 126 19.00 20.13 4.13
N GLU A 127 18.70 21.26 3.49
CA GLU A 127 18.56 22.55 4.17
C GLU A 127 17.30 22.61 5.03
N ALA A 128 16.20 22.08 4.51
CA ALA A 128 14.94 22.02 5.26
C ALA A 128 15.13 21.15 6.50
N LEU A 129 15.85 20.04 6.31
CA LEU A 129 16.16 19.12 7.39
C LEU A 129 16.96 19.79 8.51
N ALA A 130 17.92 20.64 8.13
CA ALA A 130 18.77 21.31 9.11
C ALA A 130 18.00 22.33 9.94
N LYS A 131 17.13 23.09 9.26
CA LYS A 131 16.26 24.04 9.94
C LYS A 131 15.30 23.32 10.87
N PHE A 132 14.85 22.14 10.44
CA PHE A 132 13.97 21.32 11.26
C PHE A 132 14.68 20.77 12.49
N VAL A 133 15.92 20.30 12.32
CA VAL A 133 16.71 19.78 13.42
C VAL A 133 16.93 20.86 14.49
N ALA A 134 17.04 22.11 14.06
CA ALA A 134 17.30 23.23 14.96
C ALA A 134 16.09 23.58 15.84
N THR A 135 14.95 22.95 15.58
CA THR A 135 13.75 23.19 16.38
C THR A 135 13.59 22.18 17.52
N GLU A 136 14.61 21.34 17.73
CA GLU A 136 14.60 20.39 18.85
C GLU A 136 14.51 21.11 20.20
N CYS A 137 13.69 20.59 21.11
CA CYS A 137 13.62 21.13 22.46
C CYS A 137 14.59 20.37 23.37
N GLU A 138 14.20 20.20 24.63
CA GLU A 138 15.00 19.42 25.57
C GLU A 138 14.16 19.05 26.79
N PHE A 140 20.18 17.95 24.33
CA PHE A 140 19.84 16.86 25.25
C PHE A 140 18.47 16.25 24.92
N HIS A 141 17.78 16.81 23.93
CA HIS A 141 16.73 16.07 23.24
C HIS A 141 17.51 14.98 22.54
N LEU A 142 18.63 15.39 21.94
CA LEU A 142 19.52 14.49 21.21
C LEU A 142 20.88 14.35 21.90
N PRO A 143 21.68 13.38 21.41
CA PRO A 143 23.08 13.01 21.61
C PRO A 143 23.48 12.45 22.97
N GLU A 144 24.12 11.29 22.92
CA GLU A 144 25.06 10.87 23.94
C GLU A 144 26.40 11.15 23.27
N GLY A 145 26.53 12.38 22.77
CA GLY A 145 27.60 12.71 21.84
C GLY A 145 27.30 12.05 20.51
N ARG A 146 26.05 11.60 20.35
CA ARG A 146 25.64 10.78 19.22
C ARG A 146 25.47 11.56 17.93
N GLN A 147 25.85 10.93 16.82
CA GLN A 147 25.52 11.41 15.50
C GLN A 147 24.03 11.13 15.27
N ARG A 148 23.32 12.09 14.70
CA ARG A 148 21.90 11.87 14.38
C ARG A 148 21.76 10.84 13.28
N GLU A 149 20.68 10.06 13.32
CA GLU A 149 20.49 9.00 12.34
C GLU A 149 19.14 9.11 11.67
N LEU A 150 19.13 8.85 10.37
CA LEU A 150 17.97 9.12 9.53
C LEU A 150 17.52 7.91 8.75
N GLY A 151 16.21 7.69 8.71
CA GLY A 151 15.62 6.70 7.83
C GLY A 151 15.09 7.45 6.62
N PHE A 152 15.42 6.99 5.42
CA PHE A 152 15.16 7.74 4.19
C PHE A 152 14.18 6.95 3.32
N THR A 153 12.95 7.44 3.21
CA THR A 153 11.96 6.78 2.36
C THR A 153 11.91 7.47 1.00
N PHE A 154 12.37 6.76 -0.04
CA PHE A 154 12.39 7.30 -1.39
C PHE A 154 11.33 6.58 -2.23
N SER A 155 10.19 7.22 -2.43
CA SER A 155 9.05 6.59 -3.07
C SER A 155 8.91 6.92 -4.55
N PHE A 156 10.02 6.84 -5.27
CA PHE A 156 10.02 6.83 -6.72
C PHE A 156 10.56 5.45 -7.11
N PRO A 157 10.35 5.03 -8.36
CA PRO A 157 10.92 3.73 -8.78
C PRO A 157 12.42 3.69 -8.52
N VAL A 158 12.82 2.72 -7.70
CA VAL A 158 14.18 2.66 -7.21
C VAL A 158 14.64 1.21 -7.14
N LYS A 159 15.92 0.99 -7.34
CA LYS A 159 16.49 -0.34 -7.23
C LYS A 159 17.41 -0.34 -6.01
N GLN A 160 16.90 -0.82 -4.88
CA GLN A 160 17.70 -0.83 -3.65
C GLN A 160 18.76 -1.93 -3.73
N THR A 161 20.01 -1.56 -3.44
CA THR A 161 21.14 -2.47 -3.62
C THR A 161 21.81 -2.86 -2.29
N SER A 162 21.54 -2.10 -1.24
CA SER A 162 22.02 -2.43 0.11
C SER A 162 21.10 -1.76 1.12
N LEU A 163 21.40 -1.89 2.40
CA LEU A 163 20.62 -1.23 3.45
C LEU A 163 20.60 0.29 3.25
N SER A 164 21.70 0.83 2.75
CA SER A 164 21.83 2.28 2.64
C SER A 164 22.23 2.75 1.25
N SER A 165 21.74 2.07 0.21
CA SER A 165 21.94 2.56 -1.15
C SER A 165 20.88 2.04 -2.12
N GLY A 166 20.61 2.80 -3.16
CA GLY A 166 19.57 2.46 -4.12
C GLY A 166 19.67 3.37 -5.32
N SER A 167 19.41 2.84 -6.50
CA SER A 167 19.55 3.62 -7.72
C SER A 167 18.19 4.01 -8.27
N LEU A 168 18.05 5.29 -8.63
CA LEU A 168 16.82 5.76 -9.25
C LEU A 168 16.65 5.13 -10.63
N ILE A 169 15.50 4.51 -10.87
CA ILE A 169 15.25 3.83 -12.14
C ILE A 169 14.62 4.77 -13.18
N LYS A 170 13.53 5.42 -12.77
CA LYS A 170 12.81 6.33 -13.62
C LYS A 170 12.05 7.33 -12.76
N TRP A 171 11.98 8.58 -13.20
CA TRP A 171 11.22 9.59 -12.47
C TRP A 171 9.72 9.44 -12.69
N THR A 172 8.95 10.02 -11.78
N THR A 172 8.92 9.96 -11.76
CA THR A 172 7.50 9.96 -11.79
CA THR A 172 7.48 10.04 -11.91
C THR A 172 7.01 11.35 -11.34
C THR A 172 7.02 11.41 -11.44
N LYS A 173 5.71 11.59 -11.38
CA LYS A 173 5.10 12.78 -10.77
C LYS A 173 5.60 14.14 -11.26
N GLY A 174 6.02 14.21 -12.53
CA GLY A 174 6.47 15.46 -13.10
C GLY A 174 7.88 15.84 -12.71
N PHE A 175 8.64 14.88 -12.21
CA PHE A 175 10.07 15.09 -12.02
C PHE A 175 10.79 14.68 -13.30
N SER A 176 11.85 15.39 -13.66
CA SER A 176 12.64 15.02 -14.82
C SER A 176 14.07 15.55 -14.68
N ILE A 177 14.80 14.97 -13.75
CA ILE A 177 16.20 15.28 -13.52
C ILE A 177 17.02 14.13 -14.09
N GLU A 178 17.33 14.23 -15.38
CA GLU A 178 17.83 13.08 -16.15
C GLU A 178 19.13 12.48 -15.64
N GLU A 179 20.03 13.32 -15.12
CA GLU A 179 21.32 12.85 -14.63
C GLU A 179 21.18 12.01 -13.36
N ALA A 180 20.10 12.23 -12.63
CA ALA A 180 19.84 11.49 -11.40
C ALA A 180 19.48 10.03 -11.69
N VAL A 181 19.01 9.77 -12.91
CA VAL A 181 18.60 8.42 -13.30
C VAL A 181 19.77 7.44 -13.26
N GLY A 182 19.62 6.36 -12.51
CA GLY A 182 20.66 5.34 -12.41
C GLY A 182 21.72 5.65 -11.36
N GLN A 183 21.52 6.72 -10.61
CA GLN A 183 22.47 7.12 -9.56
C GLN A 183 21.93 6.81 -8.17
N ASP A 184 22.84 6.76 -7.19
CA ASP A 184 22.48 6.39 -5.83
C ASP A 184 21.90 7.57 -5.05
N VAL A 185 20.63 7.47 -4.65
CA VAL A 185 19.93 8.58 -3.99
C VAL A 185 20.45 8.88 -2.57
N VAL A 186 20.94 7.85 -1.88
CA VAL A 186 21.45 8.04 -0.53
C VAL A 186 22.76 8.83 -0.56
N GLY A 187 23.64 8.45 -1.48
CA GLY A 187 24.89 9.17 -1.68
C GLY A 187 24.61 10.61 -2.07
N ALA A 188 23.61 10.80 -2.92
CA ALA A 188 23.20 12.13 -3.36
C ALA A 188 22.79 12.99 -2.17
N LEU A 189 21.92 12.44 -1.32
CA LEU A 189 21.47 13.14 -0.13
C LEU A 189 22.63 13.36 0.86
N ASN A 190 23.47 12.33 1.02
CA ASN A 190 24.66 12.45 1.86
C ASN A 190 25.50 13.66 1.48
N LYS A 191 25.79 13.78 0.18
CA LYS A 191 26.55 14.90 -0.36
C LYS A 191 25.97 16.22 0.10
N ALA A 192 24.66 16.35 -0.08
CA ALA A 192 23.96 17.57 0.29
C ALA A 192 23.97 17.80 1.81
N LEU A 193 23.85 16.72 2.58
CA LEU A 193 23.97 16.81 4.03
C LEU A 193 25.37 17.27 4.43
N GLU A 194 26.39 16.80 3.72
CA GLU A 194 27.75 17.26 3.96
C GLU A 194 27.87 18.73 3.59
N ARG A 195 27.44 19.08 2.39
CA ARG A 195 27.54 20.45 1.88
C ARG A 195 26.77 21.49 2.70
N VAL A 196 26.03 21.04 3.71
CA VAL A 196 25.08 21.90 4.42
C VAL A 196 25.45 22.12 5.90
N GLY A 197 26.24 21.20 6.46
CA GLY A 197 26.71 21.36 7.82
C GLY A 197 25.90 20.58 8.83
N LEU A 198 25.15 19.60 8.33
CA LEU A 198 24.31 18.76 9.18
C LEU A 198 24.96 17.40 9.39
N ASP A 199 25.45 17.16 10.61
CA ASP A 199 26.02 15.87 10.96
C ASP A 199 24.90 14.85 11.12
N MET A 200 24.55 14.17 10.03
N MET A 200 24.54 14.19 10.03
CA MET A 200 23.43 13.24 10.00
CA MET A 200 23.44 13.23 10.05
C MET A 200 23.76 12.02 9.15
C MET A 200 23.76 12.02 9.17
N ARG A 201 23.67 10.83 9.76
CA ARG A 201 23.95 9.59 9.05
C ARG A 201 22.66 9.00 8.52
N ILE A 202 22.68 8.51 7.28
CA ILE A 202 21.52 7.81 6.75
C ILE A 202 21.64 6.33 7.08
N ALA A 203 20.83 5.90 8.05
CA ALA A 203 20.93 4.56 8.60
C ALA A 203 20.26 3.51 7.73
N ALA A 204 19.29 3.95 6.91
CA ALA A 204 18.50 3.03 6.12
C ALA A 204 17.79 3.74 4.98
N LEU A 205 17.86 3.16 3.78
CA LEU A 205 16.96 3.52 2.69
C LEU A 205 15.72 2.65 2.87
N VAL A 206 14.56 3.28 2.90
CA VAL A 206 13.35 2.60 3.33
C VAL A 206 12.28 2.55 2.24
N ASN A 207 11.67 1.37 2.09
CA ASN A 207 10.45 1.20 1.32
C ASN A 207 9.24 1.39 2.23
N ASP A 208 8.20 2.06 1.74
CA ASP A 208 7.06 2.38 2.62
C ASP A 208 6.31 1.17 3.19
N THR A 209 6.19 0.09 2.42
CA THR A 209 5.51 -1.10 2.94
C THR A 209 6.37 -1.78 4.01
N VAL A 210 7.68 -1.81 3.79
CA VAL A 210 8.59 -2.36 4.80
C VAL A 210 8.53 -1.50 6.06
N GLY A 211 8.44 -0.18 5.87
CA GLY A 211 8.27 0.74 6.98
C GLY A 211 7.00 0.49 7.78
N THR A 212 5.93 0.10 7.09
CA THR A 212 4.68 -0.23 7.77
C THR A 212 4.88 -1.47 8.64
N LEU A 213 5.60 -2.46 8.11
CA LEU A 213 5.92 -3.66 8.89
C LEU A 213 6.76 -3.28 10.09
N ALA A 214 7.76 -2.42 9.89
CA ALA A 214 8.67 -2.07 10.98
C ALA A 214 7.90 -1.35 12.09
N GLY A 215 7.00 -0.44 11.71
CA GLY A 215 6.21 0.27 12.69
C GLY A 215 5.32 -0.65 13.52
N GLY A 216 4.75 -1.65 12.85
CA GLY A 216 3.92 -2.62 13.55
C GLY A 216 4.72 -3.48 14.51
N ARG A 217 5.83 -4.01 14.02
CA ARG A 217 6.70 -4.86 14.83
C ARG A 217 7.24 -4.14 16.05
N TYR A 218 7.55 -2.85 15.88
CA TYR A 218 8.03 -2.02 16.97
C TYR A 218 7.09 -2.09 18.16
N TYR A 219 5.79 -2.07 17.87
CA TYR A 219 4.77 -2.10 18.91
C TYR A 219 4.30 -3.49 19.30
N ASN A 220 4.50 -4.46 18.42
CA ASN A 220 3.94 -5.79 18.61
C ASN A 220 4.89 -6.83 18.04
N PRO A 221 5.55 -7.60 18.92
CA PRO A 221 6.55 -8.57 18.50
C PRO A 221 5.99 -9.68 17.62
N ASP A 222 4.68 -9.86 17.62
CA ASP A 222 4.06 -10.93 16.82
C ASP A 222 3.67 -10.49 15.41
N VAL A 223 4.02 -9.27 15.02
CA VAL A 223 3.83 -8.84 13.63
C VAL A 223 4.68 -9.64 12.68
N VAL A 224 4.04 -10.27 11.69
CA VAL A 224 4.75 -11.08 10.71
C VAL A 224 4.60 -10.57 9.29
N ALA A 225 3.68 -9.63 9.08
CA ALA A 225 3.44 -9.10 7.73
C ALA A 225 2.83 -7.70 7.76
N ALA A 226 2.92 -7.01 6.63
CA ALA A 226 2.30 -5.70 6.47
C ALA A 226 1.60 -5.66 5.13
N VAL A 227 0.40 -5.10 5.09
CA VAL A 227 -0.31 -4.98 3.82
C VAL A 227 -0.83 -3.57 3.67
N ILE A 228 -0.56 -2.95 2.53
N ILE A 228 -0.57 -2.95 2.53
CA ILE A 228 -1.10 -1.63 2.22
CA ILE A 228 -1.11 -1.64 2.25
C ILE A 228 -2.27 -1.80 1.26
C ILE A 228 -2.25 -1.76 1.25
N LEU A 229 -3.41 -1.26 1.64
CA LEU A 229 -4.58 -1.24 0.78
C LEU A 229 -5.09 0.18 0.78
N GLY A 230 -4.53 0.97 -0.12
CA GLY A 230 -4.93 2.35 -0.30
C GLY A 230 -5.19 2.56 -1.78
N THR A 231 -4.67 3.67 -2.32
CA THR A 231 -4.77 3.95 -3.74
C THR A 231 -4.02 2.87 -4.53
N GLY A 232 -2.86 2.47 -4.01
CA GLY A 232 -2.14 1.33 -4.56
C GLY A 232 -2.15 0.19 -3.56
N THR A 233 -1.45 -0.90 -3.86
CA THR A 233 -1.37 -2.00 -2.91
C THR A 233 -0.02 -2.70 -2.92
N ASN A 234 0.41 -3.16 -1.76
CA ASN A 234 1.63 -3.95 -1.64
C ASN A 234 1.61 -4.73 -0.35
N ALA A 235 2.53 -5.68 -0.21
CA ALA A 235 2.63 -6.45 1.02
C ALA A 235 4.09 -6.80 1.27
N ALA A 236 4.44 -6.91 2.54
CA ALA A 236 5.78 -7.35 2.93
C ALA A 236 5.60 -8.33 4.07
N TYR A 237 6.54 -9.24 4.24
CA TYR A 237 6.43 -10.18 5.34
C TYR A 237 7.78 -10.66 5.79
N VAL A 238 7.82 -11.29 6.96
CA VAL A 238 9.08 -11.76 7.53
C VAL A 238 9.27 -13.23 7.15
N GLU A 239 10.23 -13.49 6.28
CA GLU A 239 10.49 -14.84 5.77
C GLU A 239 11.72 -15.42 6.45
N ARG A 240 11.81 -16.74 6.52
CA ARG A 240 13.00 -17.40 7.06
C ARG A 240 14.13 -17.21 6.05
N ALA A 241 15.18 -16.49 6.46
CA ALA A 241 16.29 -16.14 5.58
C ALA A 241 16.87 -17.35 4.85
N THR A 242 16.88 -18.49 5.52
CA THR A 242 17.44 -19.72 4.97
C THR A 242 16.50 -20.45 4.01
N ALA A 243 15.31 -19.90 3.80
CA ALA A 243 14.34 -20.52 2.91
C ALA A 243 14.16 -19.71 1.62
N ILE A 244 15.23 -19.03 1.21
CA ILE A 244 15.22 -18.21 0.00
C ILE A 244 16.37 -18.66 -0.90
N PRO A 245 16.08 -19.53 -1.87
CA PRO A 245 17.13 -20.11 -2.74
C PRO A 245 17.89 -19.06 -3.54
N LYS A 246 17.22 -17.98 -3.94
CA LYS A 246 17.88 -16.95 -4.76
C LYS A 246 18.82 -16.04 -3.98
N TRP A 247 18.73 -16.09 -2.65
CA TRP A 247 19.54 -15.20 -1.80
C TRP A 247 20.76 -15.91 -1.23
N HIS A 248 21.93 -15.37 -1.53
CA HIS A 248 23.17 -15.98 -1.10
C HIS A 248 23.96 -15.06 -0.16
N GLY A 249 23.38 -13.91 0.18
CA GLY A 249 24.05 -12.96 1.03
C GLY A 249 24.04 -13.33 2.51
N LEU A 250 24.78 -12.57 3.31
CA LEU A 250 24.89 -12.85 4.73
C LEU A 250 23.53 -12.78 5.43
N LEU A 251 23.29 -13.69 6.36
CA LEU A 251 22.00 -13.77 7.05
C LEU A 251 21.83 -12.56 7.97
N PRO A 252 20.58 -12.10 8.14
CA PRO A 252 20.31 -11.04 9.12
C PRO A 252 20.28 -11.58 10.56
N LYS A 253 20.34 -10.67 11.55
CA LYS A 253 20.53 -11.02 12.96
C LYS A 253 19.74 -12.21 13.52
N SER A 254 18.44 -12.20 13.27
CA SER A 254 17.52 -13.19 13.83
C SER A 254 17.05 -14.20 12.79
N GLY A 255 17.76 -14.25 11.66
CA GLY A 255 17.33 -15.10 10.56
C GLY A 255 16.05 -14.59 9.91
N GLU A 256 15.68 -13.36 10.24
CA GLU A 256 14.46 -12.76 9.70
C GLU A 256 14.75 -11.93 8.46
N MET A 257 14.28 -12.39 7.30
CA MET A 257 14.47 -11.60 6.08
C MET A 257 13.16 -10.95 5.67
N VAL A 258 13.08 -9.62 5.75
CA VAL A 258 11.90 -8.92 5.26
C VAL A 258 11.87 -8.93 3.75
N ILE A 259 10.76 -9.38 3.19
CA ILE A 259 10.58 -9.49 1.74
C ILE A 259 9.56 -8.46 1.31
N ASN A 260 9.89 -7.68 0.29
CA ASN A 260 8.94 -6.76 -0.32
C ASN A 260 8.31 -7.49 -1.49
N MET A 261 7.06 -7.93 -1.33
CA MET A 261 6.47 -8.85 -2.31
C MET A 261 6.20 -8.25 -3.68
N GLU A 262 5.84 -6.96 -3.71
CA GLU A 262 5.31 -6.31 -4.91
C GLU A 262 4.11 -7.11 -5.44
N TRP A 263 3.15 -7.38 -4.56
CA TRP A 263 2.12 -8.36 -4.87
C TRP A 263 1.03 -7.86 -5.79
N GLY A 264 1.10 -6.56 -6.13
CA GLY A 264 0.15 -5.99 -7.07
C GLY A 264 0.18 -6.68 -8.42
N ASN A 265 1.31 -7.28 -8.75
CA ASN A 265 1.50 -7.93 -10.05
C ASN A 265 1.06 -9.40 -10.05
N PHE A 266 0.55 -9.87 -8.91
CA PHE A 266 0.02 -11.24 -8.84
C PHE A 266 -1.11 -11.43 -9.85
N ARG A 267 -1.13 -12.59 -10.49
CA ARG A 267 -2.31 -12.97 -11.26
C ARG A 267 -2.49 -14.47 -11.17
N SER A 268 -3.71 -14.92 -11.47
CA SER A 268 -4.06 -16.33 -11.35
C SER A 268 -5.36 -16.55 -12.10
N SER A 269 -5.54 -17.74 -12.66
CA SER A 269 -6.81 -18.10 -13.29
C SER A 269 -7.95 -18.02 -12.27
N HIS A 270 -7.61 -18.13 -10.99
CA HIS A 270 -8.61 -18.13 -9.92
C HIS A 270 -9.15 -16.76 -9.58
N LEU A 271 -8.54 -15.69 -10.11
CA LEU A 271 -9.12 -14.37 -9.93
C LEU A 271 -10.35 -14.26 -10.81
N PRO A 272 -11.51 -13.93 -10.22
CA PRO A 272 -12.75 -13.86 -11.00
C PRO A 272 -12.85 -12.51 -11.72
N LEU A 273 -12.49 -12.52 -13.00
CA LEU A 273 -12.48 -11.30 -13.78
C LEU A 273 -13.72 -11.19 -14.66
N THR A 274 -14.09 -9.95 -14.97
CA THR A 274 -15.23 -9.67 -15.84
C THR A 274 -14.78 -8.95 -17.09
N GLU A 275 -15.71 -8.68 -18.00
CA GLU A 275 -15.40 -7.95 -19.22
C GLU A 275 -14.86 -6.58 -18.87
N PHE A 276 -15.33 -6.03 -17.75
CA PHE A 276 -14.97 -4.68 -17.35
C PHE A 276 -13.54 -4.63 -16.87
N ASP A 277 -13.09 -5.68 -16.20
CA ASP A 277 -11.69 -5.80 -15.81
C ASP A 277 -10.77 -6.00 -17.01
N HIS A 278 -11.24 -6.78 -17.98
CA HIS A 278 -10.45 -7.05 -19.16
C HIS A 278 -10.24 -5.79 -20.00
N THR A 279 -11.30 -4.99 -20.12
N THR A 279 -11.29 -4.98 -20.14
CA THR A 279 -11.21 -3.76 -20.90
CA THR A 279 -11.18 -3.75 -20.92
C THR A 279 -10.35 -2.72 -20.17
C THR A 279 -10.35 -2.71 -20.18
N LEU A 280 -10.54 -2.63 -18.86
CA LEU A 280 -9.73 -1.75 -18.01
C LEU A 280 -8.26 -2.07 -18.21
N ASP A 281 -7.93 -3.36 -18.15
CA ASP A 281 -6.55 -3.80 -18.34
C ASP A 281 -6.07 -3.51 -19.76
N PHE A 282 -6.94 -3.78 -20.74
CA PHE A 282 -6.60 -3.62 -22.14
C PHE A 282 -6.31 -2.15 -22.46
N GLU A 283 -6.97 -1.25 -21.76
CA GLU A 283 -6.81 0.19 -21.99
C GLU A 283 -5.85 0.85 -21.03
N SER A 284 -5.21 0.07 -20.16
CA SER A 284 -4.25 0.61 -19.21
C SER A 284 -2.89 0.83 -19.86
N LEU A 285 -2.02 1.57 -19.18
CA LEU A 285 -0.67 1.83 -19.67
C LEU A 285 0.20 0.58 -19.53
N ASN A 286 -0.24 -0.35 -18.68
CA ASN A 286 0.53 -1.57 -18.42
C ASN A 286 -0.30 -2.84 -18.56
N PRO A 287 -0.80 -3.11 -19.78
CA PRO A 287 -1.69 -4.25 -19.95
C PRO A 287 -1.03 -5.58 -19.61
N GLY A 288 -1.75 -6.43 -18.87
CA GLY A 288 -1.22 -7.72 -18.47
C GLY A 288 -0.39 -7.66 -17.21
N GLU A 289 -0.19 -6.46 -16.69
CA GLU A 289 0.58 -6.27 -15.46
C GLU A 289 -0.29 -5.69 -14.37
N GLN A 290 0.12 -5.88 -13.11
CA GLN A 290 -0.60 -5.37 -11.96
C GLN A 290 -2.06 -5.83 -11.90
N ILE A 291 -2.31 -7.07 -12.29
CA ILE A 291 -3.69 -7.59 -12.34
C ILE A 291 -4.39 -7.56 -10.98
N LEU A 292 -3.73 -8.02 -9.93
CA LEU A 292 -4.31 -7.97 -8.59
C LEU A 292 -4.58 -6.53 -8.15
N GLU A 293 -3.62 -5.65 -8.39
CA GLU A 293 -3.80 -4.24 -8.03
C GLU A 293 -5.04 -3.67 -8.72
N LYS A 294 -5.23 -4.04 -9.98
CA LYS A 294 -6.39 -3.57 -10.75
C LYS A 294 -7.76 -4.05 -10.26
N ILE A 295 -7.78 -5.01 -9.35
CA ILE A 295 -9.08 -5.43 -8.80
C ILE A 295 -9.25 -5.24 -7.29
N ILE A 296 -8.18 -4.89 -6.59
CA ILE A 296 -8.31 -4.71 -5.13
C ILE A 296 -7.98 -3.30 -4.63
N SER A 297 -7.24 -2.52 -5.42
CA SER A 297 -6.78 -1.23 -4.91
C SER A 297 -7.76 -0.07 -5.13
N GLY A 298 -7.65 0.96 -4.28
CA GLY A 298 -8.57 2.09 -4.32
C GLY A 298 -8.60 2.83 -5.65
N MET A 299 -7.44 2.95 -6.29
CA MET A 299 -7.34 3.60 -7.58
C MET A 299 -8.31 2.99 -8.60
N TYR A 300 -8.51 1.68 -8.50
CA TYR A 300 -9.22 0.95 -9.54
C TYR A 300 -10.67 0.57 -9.23
N LEU A 301 -11.01 0.41 -7.95
CA LEU A 301 -12.38 0.02 -7.58
C LEU A 301 -13.40 0.98 -8.19
N GLY A 302 -13.13 2.28 -8.08
CA GLY A 302 -14.03 3.28 -8.62
C GLY A 302 -14.07 3.25 -10.14
N GLU A 303 -12.96 2.83 -10.73
CA GLU A 303 -12.87 2.77 -12.19
C GLU A 303 -13.65 1.58 -12.73
N ILE A 304 -13.62 0.47 -11.99
CA ILE A 304 -14.49 -0.66 -12.32
C ILE A 304 -15.96 -0.24 -12.24
N LEU A 305 -16.34 0.46 -11.17
CA LEU A 305 -17.72 0.94 -11.02
C LEU A 305 -18.11 1.80 -12.20
N ARG A 306 -17.23 2.72 -12.58
CA ARG A 306 -17.49 3.60 -13.71
C ARG A 306 -17.77 2.80 -14.98
N ARG A 307 -16.97 1.78 -15.23
CA ARG A 307 -17.10 1.01 -16.46
C ARG A 307 -18.40 0.20 -16.56
N VAL A 308 -18.84 -0.39 -15.44
CA VAL A 308 -20.13 -1.06 -15.43
C VAL A 308 -21.27 -0.06 -15.63
N LEU A 309 -21.21 1.07 -14.94
CA LEU A 309 -22.25 2.10 -15.07
C LEU A 309 -22.31 2.64 -16.50
N LEU A 310 -21.14 2.79 -17.12
CA LEU A 310 -21.06 3.28 -18.49
C LEU A 310 -21.76 2.32 -19.44
N LYS A 311 -21.58 1.02 -19.22
CA LYS A 311 -22.27 0.04 -20.05
C LYS A 311 -23.78 0.11 -19.84
N MET A 312 -24.21 0.22 -18.58
CA MET A 312 -25.62 0.37 -18.29
C MET A 312 -26.18 1.63 -18.93
N ALA A 313 -25.37 2.68 -18.97
CA ALA A 313 -25.80 3.95 -19.55
C ALA A 313 -25.90 3.88 -21.07
N GLU A 314 -24.95 3.20 -21.71
CA GLU A 314 -24.91 3.12 -23.17
C GLU A 314 -25.88 2.10 -23.73
N ASP A 315 -26.02 0.98 -23.02
CA ASP A 315 -26.73 -0.18 -23.55
C ASP A 315 -28.11 -0.36 -22.94
N ALA A 316 -28.37 0.31 -21.82
CA ALA A 316 -29.63 0.11 -21.11
C ALA A 316 -30.26 1.40 -20.61
N ALA A 317 -29.83 2.52 -21.17
CA ALA A 317 -30.38 3.85 -20.87
C ALA A 317 -30.48 4.16 -19.37
N PHE A 318 -29.46 3.79 -18.61
CA PHE A 318 -29.47 3.94 -17.16
C PHE A 318 -29.76 5.38 -16.74
N PHE A 319 -29.07 6.33 -17.36
CA PHE A 319 -29.25 7.74 -17.03
C PHE A 319 -30.12 8.48 -18.05
N GLY A 320 -31.02 7.76 -18.69
CA GLY A 320 -31.86 8.34 -19.73
C GLY A 320 -31.32 8.03 -21.11
N ASP A 321 -31.86 8.72 -22.12
CA ASP A 321 -31.48 8.45 -23.50
C ASP A 321 -30.14 9.08 -23.91
N THR A 322 -29.53 9.82 -22.99
CA THR A 322 -28.22 10.41 -23.23
C THR A 322 -27.23 9.95 -22.17
N VAL A 323 -26.07 9.47 -22.61
CA VAL A 323 -25.00 9.11 -21.68
C VAL A 323 -24.35 10.38 -21.12
N PRO A 324 -24.28 10.49 -19.78
CA PRO A 324 -23.63 11.63 -19.14
C PRO A 324 -22.17 11.68 -19.59
N SER A 325 -21.73 12.80 -20.15
CA SER A 325 -20.37 12.89 -20.69
C SER A 325 -19.28 12.69 -19.64
N LYS A 326 -19.56 13.07 -18.39
CA LYS A 326 -18.58 12.92 -17.31
C LYS A 326 -18.32 11.45 -16.99
N LEU A 327 -19.32 10.60 -17.24
CA LEU A 327 -19.20 9.17 -16.96
C LEU A 327 -18.16 8.51 -17.89
N ARG A 328 -17.82 9.20 -18.97
CA ARG A 328 -16.87 8.66 -19.93
C ARG A 328 -15.43 9.04 -19.61
N ILE A 329 -15.24 9.75 -18.50
CA ILE A 329 -13.91 10.18 -18.09
C ILE A 329 -13.27 9.13 -17.18
N PRO A 330 -12.20 8.49 -17.67
CA PRO A 330 -11.50 7.51 -16.84
C PRO A 330 -11.12 8.04 -15.46
N PHE A 331 -11.39 7.25 -14.43
CA PHE A 331 -11.01 7.56 -13.06
C PHE A 331 -11.73 8.76 -12.43
N ILE A 332 -12.84 9.20 -13.04
CA ILE A 332 -13.64 10.29 -12.49
C ILE A 332 -14.37 9.86 -11.20
N ILE A 333 -14.77 8.58 -11.15
CA ILE A 333 -15.34 8.05 -9.93
C ILE A 333 -14.21 7.50 -9.10
N ARG A 334 -14.03 8.04 -7.91
CA ARG A 334 -12.88 7.68 -7.10
C ARG A 334 -13.26 6.95 -5.83
N THR A 335 -12.25 6.66 -5.01
CA THR A 335 -12.38 5.78 -3.85
C THR A 335 -13.31 6.28 -2.73
N PRO A 336 -13.11 7.52 -2.24
CA PRO A 336 -13.99 7.91 -1.12
C PRO A 336 -15.41 8.26 -1.58
N HIS A 337 -15.60 8.49 -2.88
CA HIS A 337 -16.93 8.62 -3.45
C HIS A 337 -17.65 7.31 -3.19
N MET A 338 -16.97 6.23 -3.58
CA MET A 338 -17.49 4.88 -3.48
C MET A 338 -17.78 4.49 -2.04
N SER A 339 -16.81 4.72 -1.15
CA SER A 339 -16.97 4.46 0.28
C SER A 339 -18.19 5.16 0.83
N ALA A 340 -18.34 6.43 0.45
CA ALA A 340 -19.45 7.25 0.91
C ALA A 340 -20.82 6.71 0.51
N MET A 341 -20.95 6.30 -0.76
CA MET A 341 -22.21 5.78 -1.28
C MET A 341 -22.56 4.43 -0.65
N HIS A 342 -21.54 3.59 -0.49
CA HIS A 342 -21.67 2.24 0.05
C HIS A 342 -22.10 2.31 1.51
N ASN A 343 -21.62 3.35 2.19
CA ASN A 343 -21.86 3.55 3.62
C ASN A 343 -23.25 4.12 3.89
N ASP A 344 -24.00 4.35 2.82
CA ASP A 344 -25.30 5.01 2.92
C ASP A 344 -26.39 4.05 3.41
N THR A 345 -27.09 4.46 4.47
CA THR A 345 -28.09 3.63 5.12
C THR A 345 -29.47 4.27 5.08
N SER A 346 -29.54 5.49 4.56
CA SER A 346 -30.82 6.19 4.41
C SER A 346 -31.77 5.36 3.54
N PRO A 347 -33.08 5.43 3.81
CA PRO A 347 -34.06 4.63 3.10
C PRO A 347 -34.29 5.10 1.67
N ASP A 348 -33.87 6.33 1.37
CA ASP A 348 -34.02 6.86 0.01
C ASP A 348 -32.68 6.95 -0.69
N LEU A 349 -31.64 6.47 -0.02
CA LEU A 349 -30.26 6.48 -0.53
C LEU A 349 -29.81 7.88 -0.97
N LYS A 350 -30.13 8.88 -0.14
CA LYS A 350 -29.72 10.28 -0.36
C LYS A 350 -28.27 10.46 -0.76
N ILE A 351 -27.37 9.78 -0.05
CA ILE A 351 -25.93 9.96 -0.23
C ILE A 351 -25.46 9.38 -1.57
N VAL A 352 -26.05 8.25 -1.97
CA VAL A 352 -25.78 7.68 -3.30
C VAL A 352 -26.19 8.68 -4.37
N GLY A 353 -27.40 9.23 -4.24
CA GLY A 353 -27.91 10.19 -5.19
C GLY A 353 -27.05 11.45 -5.24
N SER A 354 -26.64 11.93 -4.07
CA SER A 354 -25.85 13.15 -3.98
C SER A 354 -24.50 13.02 -4.69
N LYS A 355 -23.83 11.89 -4.48
CA LYS A 355 -22.52 11.64 -5.10
C LYS A 355 -22.64 11.43 -6.61
N ILE A 356 -23.64 10.68 -7.03
CA ILE A 356 -23.89 10.49 -8.46
C ILE A 356 -24.17 11.83 -9.13
N LYS A 357 -25.01 12.64 -8.50
CA LYS A 357 -25.32 13.98 -8.97
C LYS A 357 -24.07 14.85 -9.12
N ASP A 358 -23.22 14.87 -8.11
CA ASP A 358 -22.03 15.73 -8.12
C ASP A 358 -21.04 15.28 -9.20
N ILE A 359 -20.73 13.99 -9.20
CA ILE A 359 -19.69 13.41 -10.06
C ILE A 359 -20.06 13.41 -11.53
N LEU A 360 -21.26 12.95 -11.83
CA LEU A 360 -21.69 12.76 -13.22
C LEU A 360 -22.50 13.95 -13.73
N GLU A 361 -22.75 14.90 -12.84
CA GLU A 361 -23.54 16.09 -13.17
C GLU A 361 -24.89 15.76 -13.82
N VAL A 362 -25.60 14.81 -13.22
CA VAL A 362 -26.96 14.47 -13.65
C VAL A 362 -27.95 15.14 -12.68
N PRO A 363 -29.14 15.51 -13.18
CA PRO A 363 -30.02 16.32 -12.32
C PRO A 363 -30.86 15.49 -11.37
N THR A 364 -31.03 14.20 -11.68
CA THR A 364 -31.94 13.36 -10.93
C THR A 364 -31.56 11.88 -11.04
N THR A 365 -31.85 11.13 -9.97
CA THR A 365 -31.78 9.67 -9.98
C THR A 365 -32.98 9.13 -9.21
N SER A 366 -33.39 7.91 -9.53
CA SER A 366 -34.49 7.26 -8.81
C SER A 366 -33.92 6.35 -7.74
N LEU A 367 -34.76 5.88 -6.83
CA LEU A 367 -34.30 4.94 -5.81
C LEU A 367 -33.79 3.66 -6.46
N LYS A 368 -34.49 3.22 -7.51
CA LYS A 368 -34.12 2.01 -8.22
C LYS A 368 -32.70 2.11 -8.81
N MET A 369 -32.36 3.28 -9.34
CA MET A 369 -31.03 3.48 -9.88
C MET A 369 -30.04 3.47 -8.73
N ARG A 370 -30.39 4.15 -7.64
CA ARG A 370 -29.51 4.24 -6.50
C ARG A 370 -29.27 2.86 -5.90
N LYS A 371 -30.31 2.02 -5.91
CA LYS A 371 -30.16 0.66 -5.40
C LYS A 371 -29.18 -0.15 -6.23
N VAL A 372 -29.23 0.03 -7.55
CA VAL A 372 -28.27 -0.63 -8.44
C VAL A 372 -26.85 -0.13 -8.18
N VAL A 373 -26.70 1.18 -8.03
CA VAL A 373 -25.38 1.75 -7.78
C VAL A 373 -24.77 1.21 -6.49
N ILE A 374 -25.52 1.21 -5.40
CA ILE A 374 -24.98 0.72 -4.15
C ILE A 374 -24.71 -0.79 -4.20
N SER A 375 -25.53 -1.52 -4.97
N SER A 375 -25.53 -1.51 -4.97
CA SER A 375 -25.27 -2.95 -5.18
CA SER A 375 -25.30 -2.93 -5.20
C SER A 375 -23.93 -3.16 -5.88
C SER A 375 -23.95 -3.14 -5.86
N LEU A 376 -23.69 -2.38 -6.92
CA LEU A 376 -22.42 -2.44 -7.64
C LEU A 376 -21.23 -2.10 -6.74
N CYS A 377 -21.39 -1.09 -5.89
CA CYS A 377 -20.36 -0.77 -4.89
C CYS A 377 -20.07 -1.97 -4.04
N ASN A 378 -21.14 -2.60 -3.53
CA ASN A 378 -21.00 -3.79 -2.69
C ASN A 378 -20.29 -4.94 -3.40
N ILE A 379 -20.68 -5.22 -4.64
CA ILE A 379 -20.08 -6.30 -5.40
C ILE A 379 -18.58 -6.07 -5.61
N ILE A 380 -18.24 -4.84 -6.03
CA ILE A 380 -16.85 -4.52 -6.33
C ILE A 380 -15.98 -4.47 -5.08
N ALA A 381 -16.46 -3.83 -4.01
CA ALA A 381 -15.73 -3.76 -2.75
C ALA A 381 -15.56 -5.15 -2.14
N THR A 382 -16.61 -5.96 -2.21
CA THR A 382 -16.58 -7.28 -1.60
C THR A 382 -15.56 -8.16 -2.32
N ARG A 383 -15.53 -8.10 -3.64
CA ARG A 383 -14.55 -8.88 -4.37
C ARG A 383 -13.14 -8.45 -4.00
N GLY A 384 -12.91 -7.14 -3.97
CA GLY A 384 -11.60 -6.60 -3.63
C GLY A 384 -11.16 -7.02 -2.24
N ALA A 385 -12.08 -6.93 -1.29
CA ALA A 385 -11.80 -7.26 0.11
C ALA A 385 -11.56 -8.76 0.30
N ARG A 386 -12.35 -9.59 -0.36
CA ARG A 386 -12.20 -11.03 -0.21
C ARG A 386 -10.92 -11.54 -0.88
N LEU A 387 -10.56 -10.94 -2.01
CA LEU A 387 -9.31 -11.32 -2.67
C LEU A 387 -8.12 -10.86 -1.84
N SER A 388 -8.23 -9.69 -1.21
CA SER A 388 -7.20 -9.23 -0.28
C SER A 388 -7.03 -10.21 0.87
N ALA A 389 -8.14 -10.71 1.42
CA ALA A 389 -8.07 -11.69 2.51
C ALA A 389 -7.38 -12.98 2.04
N ALA A 390 -7.69 -13.40 0.83
CA ALA A 390 -7.07 -14.61 0.26
C ALA A 390 -5.55 -14.41 0.14
N GLY A 391 -5.15 -13.22 -0.28
CA GLY A 391 -3.73 -12.90 -0.38
C GLY A 391 -3.05 -12.99 0.96
N ILE A 392 -3.68 -12.43 1.99
CA ILE A 392 -3.10 -12.46 3.33
C ILE A 392 -3.05 -13.89 3.83
N TYR A 393 -4.08 -14.67 3.51
CA TYR A 393 -4.12 -16.07 3.94
C TYR A 393 -2.98 -16.82 3.26
N GLY A 394 -2.70 -16.46 2.02
CA GLY A 394 -1.58 -17.05 1.31
C GLY A 394 -0.26 -16.77 2.01
N ILE A 395 -0.10 -15.56 2.53
CA ILE A 395 1.11 -15.21 3.27
C ILE A 395 1.19 -16.04 4.56
N LEU A 396 0.07 -16.13 5.28
CA LEU A 396 0.04 -16.95 6.50
C LEU A 396 0.38 -18.41 6.25
N LYS A 397 -0.08 -18.94 5.11
CA LYS A 397 0.25 -20.31 4.72
C LYS A 397 1.74 -20.46 4.43
N LYS A 398 2.35 -19.47 3.76
CA LYS A 398 3.78 -19.49 3.47
C LYS A 398 4.57 -19.59 4.77
N LEU A 399 4.04 -19.00 5.84
CA LEU A 399 4.70 -18.98 7.14
C LEU A 399 4.26 -20.14 8.03
N GLY A 400 3.34 -20.96 7.56
CA GLY A 400 2.84 -22.07 8.35
C GLY A 400 2.02 -21.60 9.54
N ARG A 401 1.39 -20.44 9.37
CA ARG A 401 0.60 -19.82 10.45
C ARG A 401 -0.90 -19.87 10.16
N ASP A 402 -1.29 -20.68 9.18
CA ASP A 402 -2.69 -20.91 8.87
C ASP A 402 -3.28 -21.97 9.77
N THR A 403 -2.44 -22.62 10.56
CA THR A 403 -2.86 -23.64 11.52
C THR A 403 -2.26 -23.35 12.88
N THR A 404 -3.04 -23.66 13.93
CA THR A 404 -2.67 -23.35 15.30
C THR A 404 -3.81 -23.76 16.24
N LYS A 411 0.59 -16.03 18.33
CA LYS A 411 -0.11 -14.93 17.65
C LYS A 411 0.59 -14.55 16.34
N SER A 412 -0.20 -14.29 15.30
CA SER A 412 0.33 -13.77 14.04
C SER A 412 -0.41 -12.47 13.75
N VAL A 413 0.31 -11.36 13.72
CA VAL A 413 -0.33 -10.06 13.53
C VAL A 413 0.02 -9.47 12.17
N ILE A 414 -1.00 -8.92 11.51
N ILE A 414 -0.99 -8.95 11.46
CA ILE A 414 -0.82 -8.26 10.21
CA ILE A 414 -0.74 -8.28 10.19
C ILE A 414 -0.93 -6.75 10.40
C ILE A 414 -0.93 -6.77 10.34
N ALA A 415 0.13 -6.01 10.08
CA ALA A 415 0.11 -4.55 10.21
C ALA A 415 -0.46 -3.97 8.93
N MET A 416 -1.51 -3.15 9.05
CA MET A 416 -2.15 -2.66 7.84
C MET A 416 -2.30 -1.13 7.78
N ASP A 417 -2.36 -0.61 6.57
CA ASP A 417 -2.53 0.83 6.35
C ASP A 417 -3.10 1.06 4.95
N GLY A 418 -3.44 2.31 4.65
CA GLY A 418 -4.05 2.64 3.37
C GLY A 418 -5.49 3.07 3.59
N GLY A 419 -6.00 3.91 2.69
CA GLY A 419 -7.36 4.42 2.80
C GLY A 419 -8.46 3.37 2.84
N LEU A 420 -8.28 2.27 2.10
CA LEU A 420 -9.28 1.20 2.09
C LEU A 420 -9.43 0.54 3.45
N PHE A 421 -8.31 0.18 4.07
CA PHE A 421 -8.31 -0.43 5.39
C PHE A 421 -8.78 0.56 6.45
N GLU A 422 -8.38 1.81 6.31
CA GLU A 422 -8.57 2.81 7.36
C GLU A 422 -9.96 3.45 7.38
N HIS A 423 -10.47 3.83 6.21
CA HIS A 423 -11.67 4.66 6.16
C HIS A 423 -12.89 4.01 5.49
N TYR A 424 -12.62 3.11 4.54
CA TYR A 424 -13.70 2.38 3.86
C TYR A 424 -14.09 1.20 4.75
N THR A 425 -14.93 1.47 5.74
CA THR A 425 -15.26 0.51 6.79
C THR A 425 -15.82 -0.83 6.30
N GLN A 426 -16.70 -0.78 5.31
CA GLN A 426 -17.27 -2.01 4.75
C GLN A 426 -16.20 -2.88 4.09
N PHE A 427 -15.23 -2.25 3.45
CA PHE A 427 -14.14 -3.00 2.81
C PHE A 427 -13.33 -3.72 3.88
N SER A 428 -12.94 -3.00 4.91
CA SER A 428 -12.12 -3.53 5.99
C SER A 428 -12.80 -4.69 6.72
N GLU A 429 -14.09 -4.51 7.02
CA GLU A 429 -14.89 -5.52 7.71
C GLU A 429 -15.02 -6.77 6.87
N CYS A 430 -15.24 -6.60 5.57
N CYS A 430 -15.28 -6.59 5.58
CA CYS A 430 -15.37 -7.73 4.66
CA CYS A 430 -15.38 -7.73 4.66
C CYS A 430 -14.06 -8.51 4.55
C CYS A 430 -14.08 -8.50 4.59
N MET A 431 -12.95 -7.77 4.52
CA MET A 431 -11.64 -8.40 4.40
CA MET A 431 -11.68 -8.47 4.38
C MET A 431 -11.31 -9.23 5.64
N GLU A 432 -11.46 -8.61 6.81
CA GLU A 432 -11.12 -9.31 8.05
C GLU A 432 -12.03 -10.50 8.31
N SER A 433 -13.32 -10.36 8.01
CA SER A 433 -14.26 -11.44 8.27
C SER A 433 -14.06 -12.61 7.30
N SER A 434 -13.65 -12.33 6.06
N SER A 434 -13.65 -12.30 6.07
CA SER A 434 -13.41 -13.43 5.12
CA SER A 434 -13.37 -13.32 5.08
C SER A 434 -12.05 -14.08 5.37
C SER A 434 -12.10 -14.06 5.43
N LEU A 435 -11.11 -13.33 5.92
CA LEU A 435 -9.86 -13.93 6.39
C LEU A 435 -10.17 -14.86 7.55
N LYS A 436 -11.10 -14.45 8.40
CA LYS A 436 -11.51 -15.29 9.51
C LYS A 436 -12.14 -16.58 9.00
N GLU A 437 -12.94 -16.49 7.93
CA GLU A 437 -13.58 -17.69 7.40
C GLU A 437 -12.55 -18.63 6.78
N LEU A 438 -11.58 -18.06 6.09
CA LEU A 438 -10.50 -18.87 5.53
C LEU A 438 -9.74 -19.61 6.62
N LEU A 439 -9.46 -18.91 7.72
CA LEU A 439 -8.72 -19.51 8.82
C LEU A 439 -9.52 -20.58 9.55
N GLY A 440 -10.81 -20.32 9.74
CA GLY A 440 -11.67 -21.24 10.49
C GLY A 440 -11.63 -20.91 11.98
N ASP A 441 -12.59 -21.46 12.73
CA ASP A 441 -12.75 -21.13 14.15
C ASP A 441 -11.53 -21.39 15.03
N GLU A 442 -10.87 -22.52 14.83
CA GLU A 442 -9.73 -22.89 15.67
C GLU A 442 -8.54 -21.95 15.47
N ALA A 443 -8.16 -21.73 14.22
CA ALA A 443 -6.94 -20.98 13.91
C ALA A 443 -7.13 -19.47 13.89
N SER A 444 -8.35 -19.00 13.69
CA SER A 444 -8.56 -17.56 13.51
C SER A 444 -8.25 -16.78 14.78
N GLY A 445 -8.38 -17.44 15.92
CA GLY A 445 -8.14 -16.80 17.21
C GLY A 445 -6.72 -16.27 17.34
N SER A 446 -5.79 -16.88 16.61
CA SER A 446 -4.38 -16.53 16.76
C SER A 446 -3.96 -15.45 15.78
N VAL A 447 -4.90 -14.96 14.97
CA VAL A 447 -4.58 -13.98 13.93
C VAL A 447 -5.23 -12.62 14.23
N GLU A 448 -4.45 -11.56 14.09
CA GLU A 448 -4.93 -10.21 14.38
C GLU A 448 -4.50 -9.25 13.28
N VAL A 449 -5.28 -8.20 13.07
CA VAL A 449 -4.92 -7.15 12.12
C VAL A 449 -4.83 -5.84 12.88
N THR A 450 -3.69 -5.15 12.77
CA THR A 450 -3.48 -3.91 13.52
C THR A 450 -3.22 -2.75 12.57
N HIS A 451 -3.57 -1.54 12.99
CA HIS A 451 -3.27 -0.38 12.18
C HIS A 451 -1.86 0.14 12.45
N SER A 452 -1.00 0.10 11.43
CA SER A 452 0.33 0.67 11.52
C SER A 452 0.41 1.92 10.64
N ASN A 453 0.27 3.09 11.26
CA ASN A 453 0.22 4.34 10.50
C ASN A 453 1.60 4.87 10.14
N ASP A 454 1.68 5.52 8.99
CA ASP A 454 2.86 6.29 8.59
C ASP A 454 4.13 5.45 8.49
N GLY A 455 4.06 4.39 7.68
CA GLY A 455 5.23 3.56 7.44
C GLY A 455 6.37 4.33 6.81
N SER A 456 6.05 5.35 6.02
N SER A 456 6.03 5.33 6.00
CA SER A 456 7.08 6.12 5.33
CA SER A 456 7.01 6.16 5.32
C SER A 456 7.69 7.20 6.22
C SER A 456 7.70 7.15 6.24
N GLY A 457 7.02 7.51 7.32
CA GLY A 457 7.52 8.49 8.27
C GLY A 457 8.09 7.82 9.50
N ILE A 458 7.24 7.58 10.49
CA ILE A 458 7.68 6.94 11.72
C ILE A 458 8.26 5.55 11.47
N GLY A 459 7.70 4.83 10.50
CA GLY A 459 8.22 3.50 10.16
C GLY A 459 9.70 3.59 9.79
N ALA A 460 10.04 4.60 8.99
CA ALA A 460 11.42 4.81 8.57
C ALA A 460 12.30 5.24 9.74
N ALA A 461 11.77 6.07 10.63
CA ALA A 461 12.55 6.51 11.79
C ALA A 461 12.81 5.34 12.73
N LEU A 462 11.86 4.41 12.83
CA LEU A 462 12.05 3.22 13.65
C LEU A 462 13.07 2.26 13.04
N LEU A 463 13.14 2.20 11.71
CA LEU A 463 14.19 1.43 11.04
C LEU A 463 15.56 2.09 11.24
N ALA A 464 15.61 3.41 11.36
CA ALA A 464 16.86 4.06 11.70
C ALA A 464 17.28 3.62 13.10
N ALA A 465 16.33 3.59 14.03
CA ALA A 465 16.63 3.16 15.40
C ALA A 465 17.15 1.71 15.45
N SER A 466 16.54 0.82 14.67
CA SER A 466 16.91 -0.60 14.72
C SER A 466 18.20 -0.88 13.97
N HIS A 467 18.69 0.10 13.22
CA HIS A 467 20.00 -0.02 12.56
C HIS A 467 20.98 1.03 13.06
N SER A 468 20.73 1.51 14.28
CA SER A 468 21.56 2.54 14.90
C SER A 468 22.95 2.01 15.22
N LEU A 469 23.93 2.91 15.29
CA LEU A 469 25.27 2.54 15.74
C LEU A 469 25.34 2.54 17.27
N TYR A 470 24.26 2.96 17.90
CA TYR A 470 24.22 3.06 19.36
C TYR A 470 23.25 2.06 19.98
N LEU A 471 22.94 1.00 19.22
CA LEU A 471 22.00 -0.03 19.66
C LEU A 471 22.55 -0.79 20.87
#